data_1RPK
#
_entry.id   1RPK
#
_cell.length_a   93.390
_cell.length_b   72.920
_cell.length_c   61.390
_cell.angle_alpha   90.00
_cell.angle_beta   90.00
_cell.angle_gamma   90.00
#
_symmetry.space_group_name_H-M   'P 21 21 2'
#
loop_
_entity.id
_entity.type
_entity.pdbx_description
1 polymer 'Alpha-amylase type 1 isozyme'
2 branched 4,6-dideoxy-4-{[(1S,5R,6S)-3-formyl-5,6-dihydroxy-4-oxocyclohex-2-en-1-yl]amino}-alpha-D-xylo-hex-5-enopyranose-(1-4)-alpha-D-glucopyranose
3 branched 4,6-dideoxy-4-{[(1S,5R,6S)-3-formyl-5,6-dihydroxy-4-oxocyclohex-2-en-1-yl]amino}-alpha-D-xylo-hex-5-enopyranose-(1-4)-alpha-D-glucopyranose-(1-4)-alpha-D-glucopyranose
4 non-polymer 'CALCIUM ION'
5 water water
#
_entity_poly.entity_id   1
_entity_poly.type   'polypeptide(L)'
_entity_poly.pdbx_seq_one_letter_code
;HQVLFQGFNWESWKQSGGWYNMMMGKVDDIAAAGVTHVWLPPPSHSVSNEGYMPGRLYDIDASKYGNAAELKSLIGALHG
KGVQAIADIVINHRCADYKDSRGIYCIFEGGTSDGRLDWGPHMICRDDTKYSDGTANLDTGADFAAAPDIDHLNDRVQRE
LKEWLLWLKSDLGFDAWRLDFARGYSPEMAKVYIDGTSPSLAVAEVWDNMATGGDGKPNYDQDAHRQNLVNWVDKVGGAA
SAGMVFDFTTKGILNAAVEGELWRLIDPQGKAPGVMGWWPAKAVTFVDNHDTGSTQAMWPFPSDKVMQGYAYILTHPGIP
CIFYDHFFNWGFKDQIAALVAIRKRNGITATSALKILMHEGDAYVAEIDGKVVVKIGSRYDVGAVIPAGFVTSAHGNDYA
VWEKN
;
_entity_poly.pdbx_strand_id   A
#
# COMPACT_ATOMS: atom_id res chain seq x y z
N HIS A 1 -8.52 8.37 -13.87
CA HIS A 1 -8.75 8.63 -12.42
C HIS A 1 -8.44 7.39 -11.59
N GLN A 2 -7.66 7.56 -10.54
CA GLN A 2 -7.30 6.42 -9.70
C GLN A 2 -6.98 6.81 -8.26
N VAL A 3 -7.75 6.25 -7.34
CA VAL A 3 -7.61 6.54 -5.91
C VAL A 3 -7.77 5.24 -5.11
N LEU A 4 -6.74 4.87 -4.35
CA LEU A 4 -6.80 3.64 -3.56
C LEU A 4 -7.34 3.86 -2.15
N PHE A 5 -7.81 2.77 -1.52
CA PHE A 5 -8.37 2.81 -0.18
C PHE A 5 -7.97 1.56 0.58
N GLN A 6 -7.28 1.74 1.70
CA GLN A 6 -6.91 0.60 2.53
C GLN A 6 -8.17 0.28 3.35
N GLY A 7 -8.80 -0.86 3.07
CA GLY A 7 -10.04 -1.22 3.76
C GLY A 7 -9.98 -1.95 5.08
N PHE A 8 -8.99 -1.63 5.90
CA PHE A 8 -8.86 -2.28 7.19
C PHE A 8 -7.77 -1.64 8.00
N ASN A 9 -7.69 -2.05 9.26
CA ASN A 9 -6.64 -1.57 10.12
C ASN A 9 -6.17 -2.76 10.91
N TRP A 10 -5.24 -2.53 11.84
CA TRP A 10 -4.69 -3.59 12.66
C TRP A 10 -5.67 -4.28 13.60
N GLU A 11 -6.76 -3.60 13.96
CA GLU A 11 -7.77 -4.11 14.86
C GLU A 11 -8.98 -4.74 14.15
N SER A 12 -9.00 -4.68 12.81
CA SER A 12 -10.09 -5.20 12.02
C SER A 12 -10.53 -6.64 12.28
N TRP A 13 -9.60 -7.56 12.45
CA TRP A 13 -9.98 -8.94 12.68
C TRP A 13 -10.90 -9.11 13.90
N LYS A 14 -10.87 -8.15 14.81
CA LYS A 14 -11.69 -8.20 16.02
C LYS A 14 -13.13 -7.74 15.84
N GLN A 15 -13.50 -7.30 14.64
CA GLN A 15 -14.85 -6.76 14.40
C GLN A 15 -16.02 -7.68 14.71
N SER A 16 -16.89 -7.24 15.60
CA SER A 16 -18.07 -8.03 15.96
C SER A 16 -18.89 -8.39 14.72
N GLY A 17 -19.14 -9.67 14.54
CA GLY A 17 -19.91 -10.12 13.40
C GLY A 17 -19.09 -10.29 12.14
N GLY A 18 -17.79 -9.95 12.21
CA GLY A 18 -16.94 -10.08 11.06
C GLY A 18 -16.64 -8.77 10.34
N TRP A 19 -15.38 -8.56 9.95
CA TRP A 19 -14.97 -7.33 9.28
C TRP A 19 -15.63 -7.15 7.93
N TYR A 20 -15.55 -8.15 7.04
CA TYR A 20 -16.18 -8.02 5.74
C TYR A 20 -17.67 -7.67 5.85
N ASN A 21 -18.38 -8.33 6.78
CA ASN A 21 -19.80 -8.09 6.96
C ASN A 21 -20.08 -6.64 7.31
N MET A 22 -19.22 -6.06 8.12
CA MET A 22 -19.40 -4.68 8.51
C MET A 22 -19.08 -3.80 7.29
N MET A 23 -18.07 -4.21 6.50
CA MET A 23 -17.67 -3.44 5.33
C MET A 23 -18.75 -3.32 4.27
N MET A 24 -19.74 -4.22 4.27
CA MET A 24 -20.84 -4.12 3.30
C MET A 24 -21.56 -2.79 3.49
N GLY A 25 -21.65 -2.36 4.74
CA GLY A 25 -22.29 -1.10 5.07
C GLY A 25 -21.46 0.13 4.80
N LYS A 26 -20.21 -0.07 4.39
CA LYS A 26 -19.31 1.03 4.07
C LYS A 26 -19.10 1.19 2.55
N VAL A 27 -19.43 0.14 1.80
CA VAL A 27 -19.24 0.16 0.34
C VAL A 27 -19.68 1.43 -0.38
N ASP A 28 -20.96 1.79 -0.20
CA ASP A 28 -21.50 2.96 -0.88
C ASP A 28 -20.80 4.28 -0.55
N ASP A 29 -20.36 4.45 0.70
CA ASP A 29 -19.66 5.67 1.11
C ASP A 29 -18.27 5.71 0.45
N ILE A 30 -17.65 4.55 0.35
CA ILE A 30 -16.33 4.43 -0.26
C ILE A 30 -16.43 4.77 -1.73
N ALA A 31 -17.36 4.14 -2.44
CA ALA A 31 -17.50 4.41 -3.86
C ALA A 31 -17.92 5.85 -4.14
N ALA A 32 -18.89 6.35 -3.40
CA ALA A 32 -19.37 7.71 -3.61
C ALA A 32 -18.29 8.74 -3.36
N ALA A 33 -17.24 8.39 -2.62
CA ALA A 33 -16.16 9.34 -2.39
C ALA A 33 -15.15 9.38 -3.55
N GLY A 34 -15.33 8.51 -4.53
CA GLY A 34 -14.42 8.50 -5.68
C GLY A 34 -13.30 7.47 -5.60
N VAL A 35 -13.43 6.49 -4.72
CA VAL A 35 -12.41 5.46 -4.59
C VAL A 35 -12.56 4.50 -5.77
N THR A 36 -11.45 4.06 -6.36
CA THR A 36 -11.47 3.15 -7.50
C THR A 36 -11.01 1.74 -7.13
N HIS A 37 -10.22 1.65 -6.08
CA HIS A 37 -9.67 0.36 -5.64
C HIS A 37 -9.59 0.22 -4.12
N VAL A 38 -10.10 -0.89 -3.58
CA VAL A 38 -10.02 -1.12 -2.14
C VAL A 38 -9.05 -2.26 -1.77
N TRP A 39 -8.06 -1.96 -0.94
CA TRP A 39 -7.13 -2.99 -0.51
C TRP A 39 -7.69 -3.71 0.74
N LEU A 40 -7.90 -5.01 0.59
CA LEU A 40 -8.43 -5.87 1.64
C LEU A 40 -7.30 -6.73 2.21
N PRO A 41 -7.43 -7.18 3.48
CA PRO A 41 -6.41 -7.98 4.18
C PRO A 41 -6.11 -9.38 3.66
N PRO A 42 -5.01 -9.97 4.15
CA PRO A 42 -4.68 -11.34 3.71
C PRO A 42 -5.93 -12.13 4.11
N PRO A 43 -6.60 -12.75 3.13
CA PRO A 43 -7.82 -13.54 3.28
C PRO A 43 -7.73 -14.99 3.73
N SER A 44 -6.53 -15.54 3.78
CA SER A 44 -6.36 -16.95 4.17
C SER A 44 -6.12 -17.23 5.65
N HIS A 45 -6.17 -18.51 5.97
CA HIS A 45 -5.90 -19.02 7.30
C HIS A 45 -4.50 -18.50 7.65
N SER A 46 -4.36 -17.99 8.87
CA SER A 46 -3.09 -17.44 9.31
C SER A 46 -2.87 -17.90 10.74
N VAL A 47 -1.61 -18.14 11.11
CA VAL A 47 -1.32 -18.54 12.48
C VAL A 47 -1.53 -17.30 13.34
N SER A 48 -1.25 -16.13 12.78
CA SER A 48 -1.44 -14.86 13.49
C SER A 48 -2.83 -14.39 13.10
N ASN A 49 -3.53 -13.68 13.99
CA ASN A 49 -4.88 -13.21 13.71
C ASN A 49 -5.04 -12.20 12.57
N GLU A 50 -4.03 -11.38 12.32
CA GLU A 50 -4.20 -10.37 11.28
C GLU A 50 -3.99 -10.89 9.87
N GLY A 51 -3.49 -12.13 9.76
CA GLY A 51 -3.30 -12.73 8.46
C GLY A 51 -1.92 -12.75 7.83
N TYR A 52 -0.94 -12.13 8.48
CA TYR A 52 0.37 -12.09 7.91
C TYR A 52 1.29 -13.28 8.17
N MET A 53 0.73 -14.35 8.73
CA MET A 53 1.48 -15.59 8.94
C MET A 53 0.61 -16.70 8.32
N PRO A 54 0.36 -16.59 7.01
CA PRO A 54 -0.46 -17.52 6.25
C PRO A 54 0.02 -18.96 6.27
N GLY A 55 -0.94 -19.89 6.25
CA GLY A 55 -0.61 -21.31 6.25
C GLY A 55 -1.36 -21.99 5.11
N ARG A 56 -2.61 -22.38 5.38
CA ARG A 56 -3.42 -23.03 4.36
C ARG A 56 -3.97 -21.91 3.50
N LEU A 57 -3.28 -21.59 2.41
CA LEU A 57 -3.69 -20.48 1.55
C LEU A 57 -5.09 -20.57 0.94
N TYR A 58 -5.53 -21.78 0.56
CA TYR A 58 -6.87 -21.95 -0.03
C TYR A 58 -8.00 -21.96 1.00
N ASP A 59 -7.64 -22.04 2.29
CA ASP A 59 -8.59 -22.09 3.39
C ASP A 59 -8.99 -20.69 3.78
N ILE A 60 -9.87 -20.11 2.98
CA ILE A 60 -10.36 -18.76 3.21
C ILE A 60 -11.36 -18.76 4.37
N ASP A 61 -12.08 -19.87 4.54
CA ASP A 61 -13.08 -19.97 5.58
C ASP A 61 -12.49 -19.85 6.99
N ALA A 62 -11.18 -20.07 7.13
CA ALA A 62 -10.54 -20.00 8.44
C ALA A 62 -10.08 -18.59 8.80
N SER A 63 -10.28 -17.62 7.92
CA SER A 63 -9.84 -16.26 8.22
C SER A 63 -10.63 -15.56 9.32
N LYS A 64 -9.92 -14.79 10.13
CA LYS A 64 -10.54 -14.03 11.20
C LYS A 64 -11.39 -12.91 10.65
N TYR A 65 -11.16 -12.52 9.40
CA TYR A 65 -11.90 -11.44 8.78
C TYR A 65 -13.30 -11.82 8.28
N GLY A 66 -13.48 -13.12 8.02
CA GLY A 66 -14.76 -13.62 7.53
C GLY A 66 -14.47 -14.78 6.57
N ASN A 67 -15.50 -15.53 6.19
CA ASN A 67 -15.27 -16.66 5.31
C ASN A 67 -15.36 -16.30 3.81
N ALA A 68 -15.15 -17.30 2.97
CA ALA A 68 -15.19 -17.11 1.53
C ALA A 68 -16.52 -16.52 1.03
N ALA A 69 -17.65 -16.93 1.61
CA ALA A 69 -18.93 -16.39 1.14
C ALA A 69 -19.07 -14.91 1.52
N GLU A 70 -18.59 -14.58 2.71
CA GLU A 70 -18.66 -13.22 3.19
C GLU A 70 -17.71 -12.35 2.36
N LEU A 71 -16.55 -12.87 2.02
CA LEU A 71 -15.59 -12.10 1.21
C LEU A 71 -16.15 -11.88 -0.20
N LYS A 72 -16.72 -12.93 -0.78
CA LYS A 72 -17.31 -12.87 -2.11
C LYS A 72 -18.40 -11.81 -2.14
N SER A 73 -19.24 -11.80 -1.11
CA SER A 73 -20.31 -10.82 -1.00
C SER A 73 -19.77 -9.39 -1.01
N LEU A 74 -18.70 -9.18 -0.26
CA LEU A 74 -18.09 -7.85 -0.20
C LEU A 74 -17.50 -7.41 -1.53
N ILE A 75 -16.72 -8.27 -2.17
CA ILE A 75 -16.11 -7.90 -3.44
C ILE A 75 -17.18 -7.71 -4.51
N GLY A 76 -18.26 -8.49 -4.41
CA GLY A 76 -19.37 -8.39 -5.33
C GLY A 76 -20.01 -7.02 -5.19
N ALA A 77 -20.17 -6.58 -3.95
CA ALA A 77 -20.75 -5.28 -3.66
C ALA A 77 -19.82 -4.17 -4.17
N LEU A 78 -18.52 -4.30 -3.90
CA LEU A 78 -17.58 -3.29 -4.42
C LEU A 78 -17.70 -3.25 -5.95
N HIS A 79 -17.67 -4.41 -6.59
CA HIS A 79 -17.80 -4.44 -8.04
C HIS A 79 -19.12 -3.83 -8.52
N GLY A 80 -20.16 -4.02 -7.74
CA GLY A 80 -21.46 -3.48 -8.09
C GLY A 80 -21.38 -1.97 -8.19
N LYS A 81 -20.39 -1.37 -7.54
CA LYS A 81 -20.20 0.07 -7.57
C LYS A 81 -18.99 0.55 -8.39
N GLY A 82 -18.42 -0.33 -9.17
CA GLY A 82 -17.28 0.04 -10.00
C GLY A 82 -15.97 0.12 -9.25
N VAL A 83 -15.94 -0.45 -8.05
CA VAL A 83 -14.72 -0.45 -7.25
C VAL A 83 -14.03 -1.80 -7.32
N GLN A 84 -12.72 -1.79 -7.60
CA GLN A 84 -11.95 -3.03 -7.70
C GLN A 84 -11.45 -3.46 -6.34
N ALA A 85 -11.12 -4.75 -6.24
CA ALA A 85 -10.63 -5.29 -4.97
C ALA A 85 -9.18 -5.73 -5.09
N ILE A 86 -8.35 -5.23 -4.17
CA ILE A 86 -6.94 -5.59 -4.11
C ILE A 86 -6.72 -6.55 -2.96
N ALA A 87 -6.04 -7.66 -3.20
CA ALA A 87 -5.77 -8.64 -2.13
C ALA A 87 -4.34 -8.47 -1.59
N ASP A 88 -4.19 -8.55 -0.28
CA ASP A 88 -2.88 -8.45 0.34
C ASP A 88 -2.22 -9.83 0.21
N ILE A 89 -1.24 -9.92 -0.68
CA ILE A 89 -0.55 -11.17 -0.97
C ILE A 89 0.71 -11.34 -0.13
N VAL A 90 0.66 -12.30 0.78
CA VAL A 90 1.75 -12.59 1.70
C VAL A 90 2.40 -13.92 1.27
N ILE A 91 3.45 -13.83 0.46
CA ILE A 91 4.10 -15.05 -0.03
C ILE A 91 5.60 -15.12 0.23
N ASN A 92 6.13 -14.11 0.91
CA ASN A 92 7.53 -14.16 1.24
C ASN A 92 7.75 -15.31 2.19
N HIS A 93 6.81 -15.47 3.10
CA HIS A 93 6.90 -16.54 4.10
C HIS A 93 5.58 -17.31 4.22
N ARG A 94 5.64 -18.42 4.93
CA ARG A 94 4.47 -19.26 5.15
C ARG A 94 4.72 -20.18 6.34
N CYS A 95 3.64 -20.51 7.05
CA CYS A 95 3.71 -21.38 8.20
C CYS A 95 3.18 -22.75 7.78
N ALA A 96 3.90 -23.80 8.15
CA ALA A 96 3.54 -25.18 7.85
C ALA A 96 2.70 -25.66 9.00
N ASP A 97 1.58 -26.30 8.70
CA ASP A 97 0.66 -26.82 9.71
C ASP A 97 1.24 -27.92 10.60
N TYR A 98 2.06 -28.79 10.03
CA TYR A 98 2.59 -29.91 10.79
C TYR A 98 4.10 -29.96 10.98
N LYS A 99 4.52 -30.67 12.03
CA LYS A 99 5.95 -30.88 12.30
C LYS A 99 6.39 -32.09 11.49
N ASP A 100 7.67 -32.15 11.15
CA ASP A 100 8.20 -33.31 10.44
C ASP A 100 8.89 -34.14 11.54
N SER A 101 9.60 -35.20 11.15
CA SER A 101 10.27 -36.05 12.12
C SER A 101 11.37 -35.35 12.92
N ARG A 102 11.75 -34.14 12.51
CA ARG A 102 12.77 -33.38 13.23
C ARG A 102 12.11 -32.53 14.29
N GLY A 103 10.78 -32.57 14.33
CA GLY A 103 10.03 -31.77 15.28
C GLY A 103 9.93 -30.32 14.82
N ILE A 104 10.16 -30.13 13.53
CA ILE A 104 10.13 -28.80 12.93
C ILE A 104 8.86 -28.57 12.10
N TYR A 105 8.23 -27.41 12.27
CA TYR A 105 7.03 -27.11 11.50
C TYR A 105 7.44 -26.78 10.07
N CYS A 106 7.48 -27.80 9.22
CA CYS A 106 7.84 -27.61 7.83
C CYS A 106 7.02 -28.47 6.86
N ILE A 107 5.94 -29.09 7.35
CA ILE A 107 5.09 -29.87 6.46
C ILE A 107 3.85 -28.99 6.25
N PHE A 108 3.73 -28.42 5.05
CA PHE A 108 2.64 -27.51 4.69
C PHE A 108 1.38 -28.19 4.17
N GLU A 109 0.23 -27.54 4.40
CA GLU A 109 -1.05 -28.04 3.91
C GLU A 109 -1.72 -26.85 3.19
N GLY A 110 -2.06 -27.04 1.93
CA GLY A 110 -2.66 -25.95 1.15
C GLY A 110 -4.09 -25.56 1.50
N GLY A 111 -4.85 -26.52 2.03
CA GLY A 111 -6.23 -26.23 2.37
C GLY A 111 -7.20 -26.89 1.42
N THR A 112 -6.70 -27.70 0.50
CA THR A 112 -7.56 -28.43 -0.43
C THR A 112 -7.28 -29.92 -0.26
N SER A 113 -8.15 -30.76 -0.81
CA SER A 113 -8.01 -32.21 -0.68
C SER A 113 -6.77 -32.81 -1.34
N ASP A 114 -6.33 -32.25 -2.46
CA ASP A 114 -5.17 -32.81 -3.10
C ASP A 114 -3.88 -32.21 -2.54
N GLY A 115 -2.79 -32.29 -3.30
CA GLY A 115 -1.50 -31.80 -2.83
C GLY A 115 -1.03 -30.39 -3.13
N ARG A 116 -1.88 -29.59 -3.78
CA ARG A 116 -1.51 -28.20 -4.10
C ARG A 116 -1.08 -27.48 -2.84
N LEU A 117 0.13 -26.91 -2.87
CA LEU A 117 0.68 -26.19 -1.73
C LEU A 117 1.05 -27.09 -0.54
N ASP A 118 0.87 -28.40 -0.69
CA ASP A 118 1.26 -29.32 0.37
C ASP A 118 2.79 -29.50 0.30
N TRP A 119 3.52 -28.41 0.53
CA TRP A 119 4.98 -28.42 0.46
C TRP A 119 5.64 -29.02 1.69
N GLY A 120 6.96 -29.17 1.60
CA GLY A 120 7.74 -29.69 2.71
C GLY A 120 8.95 -28.78 2.89
N PRO A 121 9.92 -29.13 3.76
CA PRO A 121 11.10 -28.28 3.93
C PRO A 121 11.89 -28.00 2.64
N HIS A 122 11.70 -28.81 1.59
CA HIS A 122 12.45 -28.57 0.35
C HIS A 122 12.07 -27.24 -0.28
N MET A 123 10.92 -26.68 0.12
CA MET A 123 10.43 -25.40 -0.42
C MET A 123 10.82 -24.21 0.47
N ILE A 124 11.55 -24.48 1.53
CA ILE A 124 11.99 -23.42 2.43
C ILE A 124 13.44 -23.03 2.13
N CYS A 125 13.70 -21.75 1.89
CA CYS A 125 15.06 -21.29 1.59
C CYS A 125 16.08 -22.03 2.44
N ARG A 126 17.10 -22.63 1.81
CA ARG A 126 18.04 -23.39 2.63
C ARG A 126 18.72 -22.54 3.68
N ASP A 127 18.92 -21.25 3.41
CA ASP A 127 19.57 -20.42 4.40
C ASP A 127 18.70 -20.04 5.61
N ASP A 128 17.40 -20.40 5.56
CA ASP A 128 16.51 -20.17 6.70
C ASP A 128 16.68 -21.49 7.46
N THR A 129 17.85 -21.65 8.09
CA THR A 129 18.20 -22.87 8.80
C THR A 129 17.26 -23.29 9.92
N LYS A 130 16.55 -22.33 10.48
CA LYS A 130 15.58 -22.62 11.53
C LYS A 130 14.55 -23.67 11.06
N TYR A 131 14.19 -23.62 9.77
CA TYR A 131 13.18 -24.54 9.21
C TYR A 131 13.58 -25.42 8.03
N SER A 132 14.58 -25.02 7.25
CA SER A 132 14.93 -25.79 6.06
C SER A 132 15.58 -27.15 6.29
N ASP A 133 15.72 -27.92 5.22
CA ASP A 133 16.41 -29.21 5.31
C ASP A 133 17.68 -29.08 4.48
N GLY A 134 18.12 -27.83 4.29
CA GLY A 134 19.33 -27.55 3.52
C GLY A 134 19.31 -27.88 2.03
N THR A 135 18.20 -28.37 1.50
CA THR A 135 18.17 -28.75 0.09
C THR A 135 17.74 -27.69 -0.94
N ALA A 136 17.07 -26.65 -0.49
CA ALA A 136 16.57 -25.62 -1.38
C ALA A 136 17.61 -24.58 -1.85
N ASN A 137 17.16 -23.66 -2.73
CA ASN A 137 18.01 -22.57 -3.20
C ASN A 137 18.13 -21.56 -2.06
N LEU A 138 19.03 -20.61 -2.22
CA LEU A 138 19.20 -19.55 -1.24
C LEU A 138 18.04 -18.57 -1.46
N ASP A 139 17.62 -17.90 -0.39
CA ASP A 139 16.52 -16.91 -0.45
C ASP A 139 16.92 -15.82 -1.46
N THR A 140 15.96 -15.37 -2.28
CA THR A 140 16.26 -14.33 -3.27
C THR A 140 16.15 -12.94 -2.64
N GLY A 141 15.73 -12.89 -1.37
CA GLY A 141 15.59 -11.61 -0.69
C GLY A 141 15.81 -11.73 0.81
N ALA A 142 15.29 -10.77 1.57
CA ALA A 142 15.41 -10.77 3.04
C ALA A 142 14.61 -11.89 3.66
N ASP A 143 14.95 -12.23 4.90
CA ASP A 143 14.27 -13.29 5.63
C ASP A 143 13.26 -12.69 6.61
N PHE A 144 12.14 -13.39 6.78
CA PHE A 144 11.13 -12.99 7.75
C PHE A 144 11.45 -13.96 8.88
N ALA A 145 11.93 -13.41 9.99
CA ALA A 145 12.36 -14.20 11.16
C ALA A 145 11.37 -15.12 11.85
N ALA A 146 10.11 -14.70 11.96
CA ALA A 146 9.10 -15.50 12.64
C ALA A 146 8.47 -16.66 11.86
N ALA A 147 8.86 -16.86 10.60
CA ALA A 147 8.29 -17.96 9.82
C ALA A 147 9.18 -18.44 8.67
N PRO A 148 8.95 -19.68 8.20
CA PRO A 148 9.74 -20.24 7.10
C PRO A 148 9.68 -19.32 5.89
N ASP A 149 10.82 -19.05 5.28
CA ASP A 149 10.82 -18.23 4.08
C ASP A 149 10.77 -19.20 2.92
N ILE A 150 10.01 -18.83 1.89
CA ILE A 150 9.78 -19.65 0.70
C ILE A 150 10.77 -19.43 -0.43
N ASP A 151 11.20 -20.54 -1.04
CA ASP A 151 12.13 -20.53 -2.14
C ASP A 151 11.36 -20.31 -3.44
N HIS A 152 11.22 -19.04 -3.82
CA HIS A 152 10.51 -18.72 -5.03
C HIS A 152 11.23 -19.13 -6.30
N LEU A 153 12.45 -19.66 -6.15
CA LEU A 153 13.21 -20.15 -7.30
C LEU A 153 12.72 -21.57 -7.63
N ASN A 154 12.03 -22.21 -6.69
CA ASN A 154 11.49 -23.57 -6.87
C ASN A 154 10.34 -23.58 -7.90
N ASP A 155 10.45 -24.51 -8.85
CA ASP A 155 9.48 -24.67 -9.94
C ASP A 155 8.05 -24.87 -9.48
N ARG A 156 7.85 -25.82 -8.58
CA ARG A 156 6.52 -26.10 -8.07
C ARG A 156 5.94 -24.90 -7.32
N VAL A 157 6.78 -24.22 -6.55
CA VAL A 157 6.33 -23.06 -5.79
C VAL A 157 5.75 -21.99 -6.72
N GLN A 158 6.50 -21.65 -7.76
CA GLN A 158 6.04 -20.63 -8.69
C GLN A 158 4.73 -21.08 -9.35
N ARG A 159 4.70 -22.34 -9.76
CA ARG A 159 3.54 -22.91 -10.44
C ARG A 159 2.31 -22.87 -9.54
N GLU A 160 2.44 -23.36 -8.32
CA GLU A 160 1.31 -23.41 -7.41
C GLU A 160 0.83 -22.07 -6.85
N LEU A 161 1.76 -21.12 -6.65
CA LEU A 161 1.37 -19.82 -6.13
C LEU A 161 0.63 -19.09 -7.22
N LYS A 162 1.13 -19.23 -8.43
CA LYS A 162 0.46 -18.59 -9.56
C LYS A 162 -0.95 -19.13 -9.70
N GLU A 163 -1.09 -20.44 -9.54
CA GLU A 163 -2.39 -21.08 -9.63
C GLU A 163 -3.32 -20.58 -8.53
N TRP A 164 -2.78 -20.43 -7.34
CA TRP A 164 -3.55 -19.95 -6.19
C TRP A 164 -4.00 -18.50 -6.46
N LEU A 165 -3.06 -17.69 -6.93
CA LEU A 165 -3.35 -16.29 -7.22
C LEU A 165 -4.47 -16.15 -8.27
N LEU A 166 -4.40 -16.92 -9.36
CA LEU A 166 -5.43 -16.88 -10.40
C LEU A 166 -6.78 -17.27 -9.82
N TRP A 167 -6.75 -18.19 -8.85
CA TRP A 167 -7.96 -18.67 -8.15
C TRP A 167 -8.56 -17.53 -7.30
N LEU A 168 -7.71 -16.74 -6.65
CA LEU A 168 -8.19 -15.63 -5.83
C LEU A 168 -8.99 -14.70 -6.73
N LYS A 169 -8.54 -14.55 -7.98
CA LYS A 169 -9.25 -13.71 -8.93
C LYS A 169 -10.52 -14.42 -9.43
N SER A 170 -10.41 -15.65 -9.91
CA SER A 170 -11.57 -16.36 -10.44
C SER A 170 -12.63 -16.83 -9.45
N ASP A 171 -12.22 -17.20 -8.25
CA ASP A 171 -13.18 -17.69 -7.30
C ASP A 171 -13.74 -16.61 -6.36
N LEU A 172 -12.87 -15.70 -5.92
CA LEU A 172 -13.28 -14.65 -5.00
C LEU A 172 -13.58 -13.35 -5.72
N GLY A 173 -12.95 -13.17 -6.88
CA GLY A 173 -13.18 -11.96 -7.66
C GLY A 173 -12.15 -10.88 -7.46
N PHE A 174 -11.04 -11.19 -6.82
CA PHE A 174 -10.00 -10.17 -6.61
C PHE A 174 -9.48 -9.66 -7.96
N ASP A 175 -9.12 -8.38 -8.01
CA ASP A 175 -8.63 -7.78 -9.24
C ASP A 175 -7.16 -7.47 -9.29
N ALA A 176 -6.57 -7.22 -8.13
CA ALA A 176 -5.18 -6.80 -8.06
C ALA A 176 -4.50 -7.24 -6.77
N TRP A 177 -3.18 -7.02 -6.69
CA TRP A 177 -2.39 -7.42 -5.54
C TRP A 177 -1.64 -6.31 -4.81
N ARG A 178 -1.41 -6.56 -3.53
CA ARG A 178 -0.61 -5.69 -2.69
C ARG A 178 0.43 -6.70 -2.23
N LEU A 179 1.67 -6.56 -2.69
CA LEU A 179 2.74 -7.51 -2.37
C LEU A 179 3.45 -7.26 -1.04
N ASP A 180 3.00 -7.99 -0.01
CA ASP A 180 3.54 -7.88 1.33
C ASP A 180 5.02 -8.23 1.46
N PHE A 181 5.75 -7.39 2.20
CA PHE A 181 7.17 -7.63 2.45
C PHE A 181 7.91 -7.97 1.17
N ALA A 182 7.66 -7.18 0.13
CA ALA A 182 8.32 -7.42 -1.15
C ALA A 182 9.84 -7.40 -1.06
N ARG A 183 10.37 -6.92 0.07
CA ARG A 183 11.83 -6.92 0.27
C ARG A 183 12.33 -8.35 0.44
N GLY A 184 11.40 -9.23 0.80
CA GLY A 184 11.69 -10.64 1.06
C GLY A 184 12.13 -11.48 -0.10
N TYR A 185 11.79 -11.07 -1.31
CA TYR A 185 12.21 -11.81 -2.49
C TYR A 185 12.59 -10.82 -3.57
N SER A 186 13.31 -11.28 -4.58
CA SER A 186 13.76 -10.38 -5.62
C SER A 186 12.67 -9.86 -6.54
N PRO A 187 12.92 -8.70 -7.17
CA PRO A 187 11.96 -8.10 -8.09
C PRO A 187 11.74 -9.10 -9.24
N GLU A 188 12.79 -9.87 -9.55
CA GLU A 188 12.71 -10.89 -10.60
C GLU A 188 11.63 -11.90 -10.22
N MET A 189 11.62 -12.31 -8.95
CA MET A 189 10.61 -13.26 -8.50
C MET A 189 9.23 -12.59 -8.49
N ALA A 190 9.18 -11.31 -8.12
CA ALA A 190 7.89 -10.63 -8.12
C ALA A 190 7.34 -10.53 -9.56
N LYS A 191 8.23 -10.45 -10.53
CA LYS A 191 7.84 -10.36 -11.95
C LYS A 191 7.17 -11.64 -12.38
N VAL A 192 7.68 -12.77 -11.93
CA VAL A 192 7.04 -14.02 -12.28
C VAL A 192 5.55 -13.94 -11.90
N TYR A 193 5.27 -13.65 -10.63
CA TYR A 193 3.87 -13.61 -10.17
C TYR A 193 3.01 -12.50 -10.75
N ILE A 194 3.59 -11.32 -10.95
CA ILE A 194 2.83 -10.23 -11.54
C ILE A 194 2.49 -10.55 -13.01
N ASP A 195 3.52 -10.87 -13.79
CA ASP A 195 3.33 -11.18 -15.21
C ASP A 195 2.47 -12.41 -15.37
N GLY A 196 2.66 -13.36 -14.45
CA GLY A 196 1.91 -14.60 -14.52
C GLY A 196 0.46 -14.54 -14.08
N THR A 197 -0.01 -13.44 -13.50
CA THR A 197 -1.40 -13.36 -13.05
C THR A 197 -2.26 -12.19 -13.55
N SER A 198 -1.65 -11.30 -14.35
CA SER A 198 -2.33 -10.13 -14.92
C SER A 198 -3.22 -9.34 -13.96
N PRO A 199 -2.66 -8.85 -12.84
CA PRO A 199 -3.46 -8.06 -11.87
C PRO A 199 -3.66 -6.70 -12.52
N SER A 200 -4.71 -5.96 -12.15
CA SER A 200 -4.93 -4.66 -12.75
C SER A 200 -3.75 -3.79 -12.32
N LEU A 201 -3.31 -3.99 -11.09
CA LEU A 201 -2.12 -3.34 -10.54
C LEU A 201 -1.61 -4.27 -9.45
N ALA A 202 -0.32 -4.12 -9.13
CA ALA A 202 0.33 -4.90 -8.11
C ALA A 202 1.23 -3.91 -7.38
N VAL A 203 0.76 -3.44 -6.22
CA VAL A 203 1.52 -2.47 -5.47
C VAL A 203 2.42 -3.17 -4.47
N ALA A 204 3.72 -3.05 -4.69
CA ALA A 204 4.68 -3.70 -3.81
C ALA A 204 5.00 -2.91 -2.54
N GLU A 205 5.13 -3.62 -1.41
CA GLU A 205 5.52 -2.95 -0.18
C GLU A 205 6.99 -3.22 0.07
N VAL A 206 7.84 -2.37 -0.48
CA VAL A 206 9.28 -2.46 -0.27
C VAL A 206 9.58 -1.36 0.75
N TRP A 207 9.83 -1.75 2.00
CA TRP A 207 10.08 -0.78 3.06
C TRP A 207 11.47 -0.91 3.63
N ASP A 208 12.31 0.07 3.29
CA ASP A 208 13.70 0.11 3.75
C ASP A 208 13.97 1.32 4.63
N ASN A 209 15.02 1.23 5.44
CA ASN A 209 15.38 2.32 6.32
C ASN A 209 15.62 3.63 5.60
N MET A 210 15.18 4.72 6.21
CA MET A 210 15.37 6.04 5.64
C MET A 210 16.52 6.73 6.38
N ALA A 211 17.53 7.20 5.65
CA ALA A 211 18.66 7.86 6.31
C ALA A 211 18.24 9.07 7.15
N THR A 212 18.73 9.12 8.39
CA THR A 212 18.45 10.22 9.32
C THR A 212 19.76 10.84 9.82
N GLY A 213 19.67 12.01 10.44
CA GLY A 213 20.86 12.66 10.95
C GLY A 213 20.97 12.57 12.46
N GLY A 214 21.96 13.25 13.02
CA GLY A 214 22.17 13.24 14.46
C GLY A 214 20.95 13.52 15.32
N ASP A 215 20.04 14.35 14.82
CA ASP A 215 18.84 14.67 15.60
C ASP A 215 17.65 13.73 15.40
N GLY A 216 17.81 12.68 14.59
CA GLY A 216 16.72 11.75 14.39
C GLY A 216 15.79 12.04 13.22
N LYS A 217 15.89 13.22 12.63
CA LYS A 217 15.05 13.56 11.50
C LYS A 217 15.64 13.03 10.20
N PRO A 218 14.79 12.76 9.21
CA PRO A 218 15.33 12.26 7.95
C PRO A 218 16.17 13.34 7.29
N ASN A 219 17.19 12.92 6.56
CA ASN A 219 18.03 13.88 5.86
C ASN A 219 17.14 14.51 4.80
N TYR A 220 17.49 15.72 4.39
CA TYR A 220 16.75 16.44 3.36
C TYR A 220 16.86 15.65 2.03
N ASP A 221 18.08 15.15 1.77
CA ASP A 221 18.37 14.37 0.56
C ASP A 221 17.98 12.91 0.76
N GLN A 222 16.96 12.45 0.06
CA GLN A 222 16.50 11.05 0.18
C GLN A 222 16.55 10.34 -1.15
N ASP A 223 17.42 10.79 -2.05
CA ASP A 223 17.51 10.16 -3.37
C ASP A 223 17.83 8.68 -3.32
N ALA A 224 18.67 8.29 -2.37
CA ALA A 224 19.06 6.90 -2.24
C ALA A 224 17.85 6.03 -1.89
N HIS A 225 16.93 6.61 -1.15
CA HIS A 225 15.75 5.91 -0.71
C HIS A 225 14.78 5.69 -1.87
N ARG A 226 14.50 6.74 -2.63
CA ARG A 226 13.62 6.57 -3.77
C ARG A 226 14.34 5.85 -4.90
N GLN A 227 15.67 5.94 -4.97
CA GLN A 227 16.36 5.25 -6.06
C GLN A 227 16.16 3.75 -5.90
N ASN A 228 16.18 3.30 -4.65
CA ASN A 228 15.99 1.89 -4.36
C ASN A 228 14.64 1.41 -4.87
N LEU A 229 13.61 2.22 -4.65
CA LEU A 229 12.26 1.87 -5.08
C LEU A 229 12.13 1.92 -6.60
N VAL A 230 12.74 2.93 -7.20
CA VAL A 230 12.73 3.08 -8.63
C VAL A 230 13.44 1.88 -9.27
N ASN A 231 14.55 1.46 -8.65
CA ASN A 231 15.29 0.29 -9.12
C ASN A 231 14.43 -0.98 -9.08
N TRP A 232 13.60 -1.10 -8.06
CA TRP A 232 12.72 -2.26 -7.93
C TRP A 232 11.75 -2.27 -9.11
N VAL A 233 11.14 -1.12 -9.38
CA VAL A 233 10.19 -0.99 -10.48
C VAL A 233 10.87 -1.31 -11.82
N ASP A 234 12.05 -0.76 -12.06
CA ASP A 234 12.75 -1.06 -13.31
C ASP A 234 12.93 -2.56 -13.50
N LYS A 235 13.50 -3.20 -12.47
CA LYS A 235 13.73 -4.62 -12.51
C LYS A 235 12.48 -5.49 -12.67
N VAL A 236 11.37 -5.07 -12.09
CA VAL A 236 10.14 -5.84 -12.17
C VAL A 236 9.55 -5.75 -13.58
N GLY A 237 10.00 -4.78 -14.35
CA GLY A 237 9.47 -4.65 -15.70
C GLY A 237 9.16 -3.23 -16.14
N GLY A 238 9.32 -2.26 -15.24
CA GLY A 238 9.08 -0.88 -15.62
C GLY A 238 7.69 -0.52 -16.11
N ALA A 239 7.64 0.43 -17.04
CA ALA A 239 6.38 0.92 -17.58
C ALA A 239 5.39 -0.16 -18.00
N ALA A 240 5.88 -1.20 -18.65
CA ALA A 240 5.01 -2.29 -19.12
C ALA A 240 4.38 -3.11 -18.01
N SER A 241 5.11 -3.32 -16.92
CA SER A 241 4.60 -4.09 -15.80
C SER A 241 3.44 -3.45 -15.04
N ALA A 242 2.59 -4.28 -14.45
CA ALA A 242 1.49 -3.77 -13.65
C ALA A 242 2.07 -3.43 -12.26
N GLY A 243 3.34 -3.75 -12.06
CA GLY A 243 3.97 -3.49 -10.78
C GLY A 243 4.22 -2.02 -10.48
N MET A 244 4.10 -1.68 -9.19
CA MET A 244 4.34 -0.31 -8.68
C MET A 244 4.76 -0.42 -7.19
N VAL A 245 5.08 0.70 -6.56
CA VAL A 245 5.51 0.67 -5.15
C VAL A 245 4.84 1.71 -4.28
N PHE A 246 4.74 1.43 -2.98
CA PHE A 246 4.19 2.40 -2.05
C PHE A 246 5.29 3.42 -1.93
N ASP A 247 4.94 4.69 -1.91
CA ASP A 247 5.94 5.74 -1.84
C ASP A 247 6.36 6.00 -0.38
N PHE A 248 7.16 5.10 0.18
CA PHE A 248 7.64 5.26 1.55
C PHE A 248 8.56 6.47 1.66
N THR A 249 9.15 6.92 0.54
CA THR A 249 10.04 8.08 0.59
C THR A 249 9.18 9.30 0.90
N THR A 250 8.05 9.41 0.21
CA THR A 250 7.15 10.51 0.44
C THR A 250 6.56 10.45 1.88
N LYS A 251 6.25 9.25 2.34
CA LYS A 251 5.70 9.06 3.69
C LYS A 251 6.72 9.55 4.74
N GLY A 252 7.96 9.13 4.61
CA GLY A 252 8.98 9.54 5.57
C GLY A 252 9.28 11.03 5.55
N ILE A 253 9.36 11.59 4.35
CA ILE A 253 9.64 13.02 4.22
C ILE A 253 8.45 13.88 4.73
N LEU A 254 7.24 13.49 4.34
CA LEU A 254 6.04 14.22 4.75
C LEU A 254 5.85 14.20 6.27
N ASN A 255 6.15 13.08 6.89
CA ASN A 255 6.07 12.94 8.34
C ASN A 255 6.80 14.11 9.01
N ALA A 256 8.03 14.36 8.56
CA ALA A 256 8.85 15.44 9.10
C ALA A 256 8.44 16.82 8.59
N ALA A 257 8.23 16.94 7.29
CA ALA A 257 7.89 18.19 6.64
C ALA A 257 6.79 19.03 7.29
N VAL A 258 5.67 18.40 7.64
CA VAL A 258 4.55 19.14 8.26
C VAL A 258 4.86 19.74 9.63
N GLU A 259 5.94 19.33 10.28
CA GLU A 259 6.27 19.93 11.57
C GLU A 259 7.05 21.22 11.27
N GLY A 260 6.42 22.10 10.50
CA GLY A 260 7.04 23.37 10.17
C GLY A 260 8.31 23.28 9.36
N GLU A 261 8.45 22.22 8.57
CA GLU A 261 9.63 22.09 7.75
C GLU A 261 9.17 21.75 6.35
N LEU A 262 8.26 22.58 5.84
CA LEU A 262 7.72 22.33 4.52
C LEU A 262 8.71 22.58 3.38
N TRP A 263 9.88 23.11 3.72
CA TRP A 263 10.91 23.32 2.72
C TRP A 263 11.45 21.97 2.23
N ARG A 264 11.14 20.90 2.96
CA ARG A 264 11.59 19.54 2.59
C ARG A 264 10.83 18.97 1.39
N LEU A 265 9.72 19.58 1.02
CA LEU A 265 8.90 19.04 -0.05
C LEU A 265 9.26 19.38 -1.50
N ILE A 266 10.53 19.69 -1.72
CA ILE A 266 11.01 19.97 -3.06
C ILE A 266 12.49 19.54 -3.10
N ASP A 267 12.90 18.83 -4.15
CA ASP A 267 14.29 18.43 -4.26
C ASP A 267 15.00 19.57 -4.99
N PRO A 268 16.33 19.53 -5.10
CA PRO A 268 17.08 20.60 -5.79
C PRO A 268 16.80 20.79 -7.28
N GLN A 269 16.00 19.89 -7.85
CA GLN A 269 15.67 19.97 -9.28
C GLN A 269 14.29 20.57 -9.46
N GLY A 270 13.63 20.88 -8.35
CA GLY A 270 12.30 21.45 -8.44
C GLY A 270 11.17 20.44 -8.52
N LYS A 271 11.48 19.20 -8.16
CA LYS A 271 10.51 18.11 -8.19
C LYS A 271 10.12 17.62 -6.80
N ALA A 272 9.00 16.91 -6.68
CA ALA A 272 8.59 16.37 -5.40
C ALA A 272 9.78 15.53 -5.02
N PRO A 273 10.13 15.45 -3.73
CA PRO A 273 11.30 14.69 -3.24
C PRO A 273 11.15 13.17 -3.10
N GLY A 274 9.92 12.65 -3.20
CA GLY A 274 9.71 11.22 -3.08
C GLY A 274 9.63 10.49 -4.40
N VAL A 275 9.26 9.21 -4.38
CA VAL A 275 9.15 8.49 -5.65
C VAL A 275 8.24 9.28 -6.59
N MET A 276 7.26 9.97 -6.01
CA MET A 276 6.32 10.79 -6.74
C MET A 276 7.04 11.72 -7.73
N GLY A 277 8.18 12.27 -7.32
CA GLY A 277 8.91 13.18 -8.18
C GLY A 277 9.73 12.59 -9.33
N TRP A 278 9.93 11.27 -9.31
CA TRP A 278 10.72 10.60 -10.34
C TRP A 278 9.90 9.68 -11.24
N TRP A 279 9.00 8.89 -10.64
CA TRP A 279 8.16 7.98 -11.41
C TRP A 279 6.75 7.99 -10.82
N PRO A 280 6.05 9.13 -10.94
CA PRO A 280 4.69 9.28 -10.41
C PRO A 280 3.69 8.18 -10.78
N ALA A 281 3.76 7.69 -12.01
CA ALA A 281 2.85 6.63 -12.46
C ALA A 281 2.99 5.35 -11.62
N LYS A 282 4.11 5.22 -10.93
CA LYS A 282 4.41 4.03 -10.12
C LYS A 282 4.49 4.28 -8.62
N ALA A 283 4.08 5.48 -8.18
CA ALA A 283 4.14 5.87 -6.78
C ALA A 283 2.79 5.87 -6.07
N VAL A 284 2.58 4.95 -5.14
CA VAL A 284 1.32 4.94 -4.39
C VAL A 284 1.63 5.63 -3.06
N THR A 285 1.12 6.84 -2.94
CA THR A 285 1.34 7.66 -1.78
C THR A 285 0.27 7.41 -0.73
N PHE A 286 0.63 7.65 0.53
CA PHE A 286 -0.29 7.43 1.64
C PHE A 286 0.13 8.26 2.87
N VAL A 287 -0.80 8.41 3.80
CA VAL A 287 -0.58 9.17 5.03
C VAL A 287 -0.20 8.20 6.17
N ASP A 288 -0.86 7.05 6.22
CA ASP A 288 -0.53 5.99 7.19
C ASP A 288 -1.18 4.72 6.70
N ASN A 289 -0.69 3.60 7.20
CA ASN A 289 -1.26 2.30 6.88
C ASN A 289 -1.37 1.55 8.19
N HIS A 290 -1.63 0.26 8.12
CA HIS A 290 -1.84 -0.53 9.34
C HIS A 290 -0.61 -0.70 10.21
N ASP A 291 0.57 -0.54 9.63
CA ASP A 291 1.81 -0.66 10.39
C ASP A 291 2.25 0.68 10.96
N THR A 292 2.29 1.70 10.11
CA THR A 292 2.75 3.02 10.53
C THR A 292 1.76 3.69 11.44
N GLY A 293 0.48 3.48 11.15
CA GLY A 293 -0.54 4.08 11.97
C GLY A 293 -1.29 3.03 12.78
N SER A 294 -2.60 3.24 12.90
CA SER A 294 -3.47 2.34 13.65
C SER A 294 -2.89 2.11 15.04
N THR A 295 -3.04 0.91 15.55
CA THR A 295 -2.53 0.60 16.88
C THR A 295 -1.06 0.14 16.90
N GLN A 296 -0.45 -0.11 15.74
CA GLN A 296 0.95 -0.49 15.76
C GLN A 296 1.79 0.79 15.88
N ALA A 297 1.29 1.87 15.27
CA ALA A 297 1.95 3.17 15.31
C ALA A 297 3.46 3.11 15.13
N MET A 298 3.92 2.42 14.09
CA MET A 298 5.34 2.32 13.86
C MET A 298 5.93 3.63 13.35
N TRP A 299 5.15 4.43 12.64
CA TRP A 299 5.68 5.67 12.06
C TRP A 299 4.49 6.55 11.73
N PRO A 300 3.70 6.90 12.76
CA PRO A 300 2.51 7.72 12.58
C PRO A 300 2.71 9.14 12.08
N PHE A 301 1.82 9.56 11.20
CA PHE A 301 1.84 10.91 10.67
C PHE A 301 1.45 11.83 11.85
N PRO A 302 2.09 12.99 11.99
CA PRO A 302 1.71 13.86 13.11
C PRO A 302 0.18 13.95 13.21
N SER A 303 -0.38 13.38 14.28
CA SER A 303 -1.82 13.30 14.45
C SER A 303 -2.64 14.57 14.22
N ASP A 304 -2.08 15.71 14.57
CA ASP A 304 -2.80 16.97 14.41
C ASP A 304 -2.69 17.54 12.99
N LYS A 305 -1.99 16.86 12.10
CA LYS A 305 -1.85 17.40 10.75
C LYS A 305 -2.24 16.41 9.64
N VAL A 306 -2.93 15.35 10.00
CA VAL A 306 -3.32 14.35 9.02
C VAL A 306 -4.00 14.93 7.78
N MET A 307 -4.85 15.95 7.93
CA MET A 307 -5.53 16.53 6.77
C MET A 307 -4.58 17.25 5.83
N GLN A 308 -3.45 17.71 6.36
CA GLN A 308 -2.48 18.36 5.48
C GLN A 308 -1.88 17.25 4.63
N GLY A 309 -1.77 16.06 5.22
CA GLY A 309 -1.22 14.92 4.49
C GLY A 309 -2.11 14.56 3.33
N TYR A 310 -3.42 14.64 3.53
CA TYR A 310 -4.33 14.30 2.45
C TYR A 310 -4.47 15.42 1.43
N ALA A 311 -4.44 16.67 1.89
CA ALA A 311 -4.53 17.78 0.97
C ALA A 311 -3.35 17.63 0.03
N TYR A 312 -2.23 17.16 0.57
CA TYR A 312 -1.04 16.93 -0.23
C TYR A 312 -1.18 15.74 -1.20
N ILE A 313 -1.34 14.51 -0.70
CA ILE A 313 -1.43 13.39 -1.63
C ILE A 313 -2.67 13.35 -2.53
N LEU A 314 -3.81 13.89 -2.06
CA LEU A 314 -5.01 13.83 -2.91
C LEU A 314 -5.00 14.80 -4.10
N THR A 315 -4.15 15.82 -4.08
CA THR A 315 -4.10 16.77 -5.20
C THR A 315 -2.85 16.57 -6.09
N HIS A 316 -1.89 15.79 -5.59
CA HIS A 316 -0.64 15.58 -6.29
C HIS A 316 -0.54 14.37 -7.18
N PRO A 317 0.51 14.33 -8.02
CA PRO A 317 0.77 13.22 -8.94
C PRO A 317 1.02 12.04 -8.02
N GLY A 318 1.18 10.84 -8.60
CA GLY A 318 1.31 9.66 -7.77
C GLY A 318 -0.12 9.17 -7.57
N ILE A 319 -0.31 7.95 -7.08
CA ILE A 319 -1.65 7.39 -6.85
C ILE A 319 -1.90 7.43 -5.34
N PRO A 320 -2.81 8.31 -4.90
CA PRO A 320 -3.05 8.38 -3.45
C PRO A 320 -3.85 7.20 -2.90
N CYS A 321 -3.53 6.84 -1.66
CA CYS A 321 -4.20 5.75 -0.94
C CYS A 321 -4.73 6.26 0.40
N ILE A 322 -6.05 6.24 0.55
CA ILE A 322 -6.68 6.70 1.79
C ILE A 322 -6.70 5.56 2.80
N PHE A 323 -6.50 5.90 4.07
CA PHE A 323 -6.50 4.89 5.13
C PHE A 323 -7.87 4.86 5.81
N TYR A 324 -8.40 3.65 5.97
CA TYR A 324 -9.70 3.46 6.58
C TYR A 324 -10.03 4.37 7.79
N ASP A 325 -9.21 4.34 8.83
CA ASP A 325 -9.52 5.14 10.03
C ASP A 325 -9.69 6.63 9.75
N HIS A 326 -8.82 7.16 8.91
CA HIS A 326 -8.85 8.58 8.56
C HIS A 326 -10.16 8.99 7.90
N PHE A 327 -10.71 8.10 7.10
CA PHE A 327 -11.95 8.35 6.39
C PHE A 327 -13.20 8.22 7.25
N PHE A 328 -13.31 7.14 7.99
CA PHE A 328 -14.52 6.92 8.78
C PHE A 328 -14.47 7.28 10.27
N ASN A 329 -13.29 7.18 10.89
CA ASN A 329 -13.16 7.40 12.33
C ASN A 329 -12.51 8.68 12.85
N TRP A 330 -11.99 9.54 11.98
CA TRP A 330 -11.35 10.76 12.47
C TRP A 330 -12.16 12.00 12.22
N GLY A 331 -13.33 11.84 11.61
CA GLY A 331 -14.18 12.97 11.31
C GLY A 331 -13.75 13.74 10.07
N PHE A 332 -12.99 13.10 9.17
CA PHE A 332 -12.52 13.77 7.95
C PHE A 332 -13.24 13.30 6.68
N LYS A 333 -14.25 12.44 6.86
CA LYS A 333 -14.97 11.89 5.73
C LYS A 333 -15.36 12.92 4.68
N ASP A 334 -16.08 13.97 5.07
CA ASP A 334 -16.48 14.95 4.07
C ASP A 334 -15.28 15.71 3.47
N GLN A 335 -14.33 16.10 4.29
CA GLN A 335 -13.16 16.82 3.75
C GLN A 335 -12.37 15.95 2.76
N ILE A 336 -12.17 14.68 3.11
CA ILE A 336 -11.43 13.77 2.24
C ILE A 336 -12.23 13.54 0.96
N ALA A 337 -13.52 13.33 1.07
CA ALA A 337 -14.32 13.13 -0.14
C ALA A 337 -14.20 14.37 -1.05
N ALA A 338 -14.28 15.56 -0.45
CA ALA A 338 -14.20 16.80 -1.22
C ALA A 338 -12.87 16.92 -1.97
N LEU A 339 -11.80 16.44 -1.36
CA LEU A 339 -10.51 16.50 -2.01
C LEU A 339 -10.48 15.54 -3.21
N VAL A 340 -11.04 14.35 -3.05
CA VAL A 340 -11.04 13.41 -4.15
C VAL A 340 -11.90 13.97 -5.31
N ALA A 341 -13.01 14.63 -4.97
CA ALA A 341 -13.87 15.21 -5.99
C ALA A 341 -13.12 16.27 -6.79
N ILE A 342 -12.31 17.08 -6.12
CA ILE A 342 -11.57 18.10 -6.85
C ILE A 342 -10.57 17.42 -7.78
N ARG A 343 -9.92 16.36 -7.29
CA ARG A 343 -8.94 15.65 -8.10
C ARG A 343 -9.59 15.08 -9.36
N LYS A 344 -10.69 14.39 -9.15
CA LYS A 344 -11.41 13.74 -10.25
C LYS A 344 -12.02 14.76 -11.22
N ARG A 345 -12.70 15.77 -10.69
CA ARG A 345 -13.35 16.77 -11.53
C ARG A 345 -12.34 17.51 -12.41
N ASN A 346 -11.08 17.54 -11.97
CA ASN A 346 -10.04 18.23 -12.74
C ASN A 346 -9.15 17.35 -13.59
N GLY A 347 -9.50 16.06 -13.67
CA GLY A 347 -8.72 15.15 -14.48
C GLY A 347 -7.31 14.91 -13.98
N ILE A 348 -7.08 15.17 -12.70
CA ILE A 348 -5.76 14.94 -12.16
C ILE A 348 -5.56 13.42 -12.06
N THR A 349 -4.37 12.97 -12.47
CA THR A 349 -4.04 11.55 -12.44
C THR A 349 -2.63 11.39 -11.86
N ALA A 350 -2.15 10.16 -11.81
CA ALA A 350 -0.83 9.88 -11.27
C ALA A 350 0.28 10.62 -12.05
N THR A 351 0.03 10.93 -13.32
CA THR A 351 1.04 11.61 -14.10
C THR A 351 0.87 13.14 -14.29
N SER A 352 -0.09 13.75 -13.59
CA SER A 352 -0.29 15.21 -13.72
C SER A 352 1.00 16.00 -13.44
N ALA A 353 1.10 17.20 -14.02
CA ALA A 353 2.28 18.05 -13.83
C ALA A 353 2.19 18.82 -12.52
N LEU A 354 3.32 18.93 -11.84
CA LEU A 354 3.42 19.59 -10.55
C LEU A 354 4.37 20.78 -10.61
N LYS A 355 3.85 21.96 -10.26
CA LYS A 355 4.65 23.17 -10.26
C LYS A 355 4.55 23.72 -8.84
N ILE A 356 5.64 23.65 -8.11
CA ILE A 356 5.64 24.13 -6.73
C ILE A 356 5.84 25.63 -6.69
N LEU A 357 4.89 26.34 -6.09
CA LEU A 357 4.93 27.79 -6.03
C LEU A 357 5.61 28.37 -4.79
N MET A 358 5.67 27.61 -3.70
CA MET A 358 6.30 28.08 -2.46
C MET A 358 6.67 26.88 -1.61
N HIS A 359 7.86 26.90 -1.03
CA HIS A 359 8.32 25.80 -0.22
C HIS A 359 9.14 26.27 0.98
N GLU A 360 8.48 27.02 1.85
CA GLU A 360 9.09 27.54 3.04
C GLU A 360 8.66 26.69 4.24
N GLY A 361 9.36 26.88 5.36
CA GLY A 361 9.05 26.09 6.53
C GLY A 361 7.58 25.94 6.88
N ASP A 362 6.84 27.04 6.84
CA ASP A 362 5.45 26.98 7.25
C ASP A 362 4.47 27.21 6.11
N ALA A 363 4.94 27.06 4.88
CA ALA A 363 4.05 27.24 3.75
C ALA A 363 4.48 26.53 2.50
N TYR A 364 3.72 25.50 2.11
CA TYR A 364 3.95 24.74 0.88
C TYR A 364 2.76 25.04 -0.02
N VAL A 365 3.01 25.59 -1.21
CA VAL A 365 1.93 25.88 -2.15
C VAL A 365 2.33 25.33 -3.51
N ALA A 366 1.49 24.49 -4.10
CA ALA A 366 1.80 23.92 -5.41
C ALA A 366 0.65 24.01 -6.39
N GLU A 367 0.98 24.01 -7.68
CA GLU A 367 -0.03 24.07 -8.71
C GLU A 367 0.02 22.81 -9.55
N ILE A 368 -1.16 22.19 -9.75
CA ILE A 368 -1.26 20.95 -10.51
C ILE A 368 -2.03 21.07 -11.82
N ASP A 369 -1.33 20.76 -12.92
CA ASP A 369 -1.88 20.80 -14.26
C ASP A 369 -2.44 22.18 -14.59
N GLY A 370 -1.94 23.21 -13.93
CA GLY A 370 -2.47 24.55 -14.17
C GLY A 370 -3.96 24.67 -13.82
N LYS A 371 -4.52 23.67 -13.14
CA LYS A 371 -5.96 23.69 -12.78
C LYS A 371 -6.27 23.72 -11.28
N VAL A 372 -5.36 23.23 -10.47
CA VAL A 372 -5.61 23.22 -9.03
C VAL A 372 -4.40 23.73 -8.27
N VAL A 373 -4.64 24.55 -7.25
CA VAL A 373 -3.55 25.03 -6.42
C VAL A 373 -3.87 24.52 -5.04
N VAL A 374 -2.86 24.08 -4.31
CA VAL A 374 -3.08 23.55 -2.98
C VAL A 374 -2.06 24.17 -2.04
N LYS A 375 -2.48 24.40 -0.80
CA LYS A 375 -1.60 24.97 0.23
C LYS A 375 -1.72 24.24 1.56
N ILE A 376 -0.57 23.98 2.18
CA ILE A 376 -0.56 23.39 3.53
C ILE A 376 0.49 24.17 4.36
N GLY A 377 0.27 24.23 5.66
CA GLY A 377 1.22 24.92 6.51
C GLY A 377 0.51 25.77 7.54
N SER A 378 1.25 26.16 8.56
CA SER A 378 0.68 26.96 9.63
C SER A 378 0.59 28.43 9.24
N ARG A 379 1.28 28.85 8.16
CA ARG A 379 1.20 30.24 7.74
C ARG A 379 -0.18 30.46 7.14
N TYR A 380 -0.94 31.40 7.70
CA TYR A 380 -2.29 31.65 7.21
C TYR A 380 -2.41 32.25 5.82
N ASP A 381 -1.81 33.42 5.67
CA ASP A 381 -1.87 34.18 4.42
C ASP A 381 -0.82 33.83 3.37
N VAL A 382 -1.29 33.27 2.25
CA VAL A 382 -0.42 32.94 1.12
C VAL A 382 -1.12 33.52 -0.10
N GLY A 383 -2.00 34.49 0.14
CA GLY A 383 -2.73 35.09 -0.96
C GLY A 383 -1.86 35.62 -2.08
N ALA A 384 -0.74 36.25 -1.75
CA ALA A 384 0.13 36.83 -2.77
C ALA A 384 0.72 35.79 -3.70
N VAL A 385 0.73 34.53 -3.26
CA VAL A 385 1.30 33.45 -4.06
C VAL A 385 0.28 32.83 -5.01
N ILE A 386 -1.00 33.02 -4.70
CA ILE A 386 -2.08 32.44 -5.50
C ILE A 386 -2.22 33.09 -6.87
N PRO A 387 -2.06 32.32 -7.94
CA PRO A 387 -2.19 32.83 -9.31
C PRO A 387 -3.55 33.46 -9.54
N ALA A 388 -3.61 34.38 -10.49
CA ALA A 388 -4.85 35.06 -10.80
C ALA A 388 -5.89 34.09 -11.36
N GLY A 389 -7.14 34.27 -10.95
CA GLY A 389 -8.22 33.43 -11.44
C GLY A 389 -8.65 32.29 -10.53
N PHE A 390 -7.84 31.99 -9.53
CA PHE A 390 -8.15 30.90 -8.63
C PHE A 390 -8.99 31.36 -7.47
N VAL A 391 -9.87 30.49 -7.00
CA VAL A 391 -10.71 30.80 -5.85
C VAL A 391 -10.82 29.54 -5.01
N THR A 392 -10.88 29.71 -3.70
CA THR A 392 -10.96 28.58 -2.78
C THR A 392 -12.19 27.74 -3.04
N SER A 393 -12.02 26.42 -2.98
CA SER A 393 -13.13 25.48 -3.18
C SER A 393 -13.16 24.50 -2.01
N ALA A 394 -12.08 24.46 -1.24
CA ALA A 394 -12.00 23.58 -0.08
C ALA A 394 -10.91 24.08 0.85
N HIS A 395 -11.13 23.97 2.14
CA HIS A 395 -10.12 24.42 3.10
C HIS A 395 -10.39 23.83 4.47
N GLY A 396 -9.36 23.80 5.31
CA GLY A 396 -9.48 23.26 6.66
C GLY A 396 -8.28 23.66 7.49
N ASN A 397 -8.02 22.94 8.56
CA ASN A 397 -6.91 23.25 9.45
C ASN A 397 -5.58 23.19 8.73
N ASP A 398 -5.01 24.37 8.49
CA ASP A 398 -3.73 24.51 7.82
C ASP A 398 -3.66 23.97 6.38
N TYR A 399 -4.77 23.98 5.65
CA TYR A 399 -4.73 23.56 4.26
C TYR A 399 -5.83 24.25 3.51
N ALA A 400 -5.62 24.47 2.22
CA ALA A 400 -6.64 25.09 1.38
C ALA A 400 -6.40 24.67 -0.06
N VAL A 401 -7.48 24.56 -0.82
CA VAL A 401 -7.41 24.16 -2.21
C VAL A 401 -8.18 25.18 -3.03
N TRP A 402 -7.64 25.55 -4.20
CA TRP A 402 -8.25 26.49 -5.14
C TRP A 402 -8.52 25.86 -6.49
N GLU A 403 -9.53 26.38 -7.19
CA GLU A 403 -9.83 25.93 -8.55
C GLU A 403 -10.04 27.15 -9.44
N LYS A 404 -9.89 26.97 -10.75
CA LYS A 404 -10.08 28.07 -11.68
C LYS A 404 -11.59 28.29 -11.83
#